data_4DQO
#
_entry.id   4DQO
#
_cell.length_a   81.054
_cell.length_b   207.561
_cell.length_c   87.617
_cell.angle_alpha   90.00
_cell.angle_beta   90.00
_cell.angle_gamma   90.00
#
_symmetry.space_group_name_H-M   'C 2 2 21'
#
loop_
_entity.id
_entity.type
_entity.pdbx_description
1 polymer 'PG16 Fab Heavy Chain'
2 polymer 'PG16 Fab Light Chain'
3 polymer '1FD6-V1V2 scaffold ZM109 HIV-1 strain'
4 branched alpha-D-mannopyranose-(1-3)-[alpha-D-mannopyranose-(1-6)]alpha-D-mannopyranose-(1-6)-[alpha-D-mannopyranose-(1-3)]beta-D-mannopyranose-(1-4)-2-acetamido-2-deoxy-beta-D-glucopyranose-(1-4)-2-acetamido-2-deoxy-beta-D-glucopyranose
5 branched 'N-acetyl-alpha-neuraminic acid-(2-6)-beta-D-galactopyranose-(1-4)-2-acetamido-2-deoxy-beta-D-glucopyranose-(1-2)-alpha-D-mannopyranose-(1-3)-[alpha-D-mannopyranose-(1-3)-[alpha-D-mannopyranose-(1-6)]alpha-D-mannopyranose-(1-6)]beta-D-mannopyranose-(1-4)-2-acetamido-2-deoxy-beta-D-glucopyranose-(1-4)-2-acetamido-2-deoxy-beta-D-glucopyranose'
6 water water
#
loop_
_entity_poly.entity_id
_entity_poly.type
_entity_poly.pdbx_seq_one_letter_code
_entity_poly.pdbx_strand_id
1 'polypeptide(L)'
;(PCA)EQLVESGGGVVQPGGSLRLSCLASGFTFHKYGMHWVRQAPGKGLEWVALISDDGMRKYHSDSMWGRVTISRDNSK
NTLYLQFSSLKVEDTAMFFCAREAGGPIWHDDVKY(TYS)DFNDGYYNYHYMDVWGKGTTVTVSSASTKGPSVFPLAPSS
KSTSGGTAALGCLVKDYFPEPVTVSWNSGALTSGVHTFPAVLQSSGLYSLSSVVTVPSSSLGTQTYICNVNHKPSNTKVD
KRVEPKSCGLEVLF
;
H
2 'polypeptide(L)'
;QSALTQPASVSGSPGQTITISCQGTSSDVGGFDSVSWYQQSPGKAPKVMVFDVSHRPSGISNRFSGSKSGNTASLTISGL
HIEDEGDYFCSSLTDRSHRIFGGGTKVTVLGQPKAAPSVTLFPPSSEELQANKATLVCLISDFYPGAVTVAWKADSSPVK
AGVETTTPSKQSNNKYAASSYLSLTPEQWKSHKSYSCQVTHEGSTVEKTVAPTECS
;
L
3 'polypeptide(L)'
;MTTFKLAACVTLACTSPAAHAESETRVKHCSFNITTDVKDRKQKVNATFYDLDIVPLSSSDASSASSLYRLISCQTTTTE
AVDAATAAKVFKQYANDNGIDGEWTYDDATKTFTVTEGLEVLFQ
;
C
#
# COMPACT_ATOMS: atom_id res chain seq x y z
N GLU A 2 -21.16 1.02 -1.99
CA GLU A 2 -20.24 0.16 -1.25
C GLU A 2 -19.35 1.00 -0.36
N GLN A 3 -19.38 0.71 0.95
CA GLN A 3 -18.59 1.47 1.90
C GLN A 3 -18.05 0.57 3.02
N LEU A 4 -16.81 0.85 3.41
CA LEU A 4 -16.18 0.16 4.53
C LEU A 4 -15.67 1.20 5.52
N VAL A 5 -15.90 0.98 6.80
CA VAL A 5 -15.46 1.92 7.82
C VAL A 5 -14.77 1.23 8.99
N GLU A 6 -13.46 1.41 9.08
CA GLU A 6 -12.68 0.79 10.14
C GLU A 6 -12.79 1.61 11.42
N SER A 7 -12.44 1.00 12.54
CA SER A 7 -12.40 1.70 13.82
C SER A 7 -11.69 0.85 14.86
N GLY A 8 -11.47 1.43 16.04
CA GLY A 8 -10.80 0.73 17.12
C GLY A 8 -9.31 1.04 17.19
N GLY A 9 -8.82 1.83 16.25
CA GLY A 9 -7.42 2.21 16.22
C GLY A 9 -7.03 3.06 17.41
N GLY A 10 -5.77 2.96 17.83
CA GLY A 10 -5.29 3.72 18.96
C GLY A 10 -3.90 3.29 19.40
N VAL A 11 -3.51 3.72 20.59
CA VAL A 11 -2.18 3.42 21.12
C VAL A 11 -2.19 2.17 21.99
N VAL A 12 -1.23 1.29 21.74
CA VAL A 12 -1.02 0.10 22.56
C VAL A 12 0.47 -0.07 22.82
N GLN A 13 0.80 -0.81 23.88
CA GLN A 13 2.19 -1.06 24.21
C GLN A 13 2.64 -2.38 23.60
N PRO A 14 3.92 -2.46 23.19
CA PRO A 14 4.42 -3.71 22.59
C PRO A 14 4.22 -4.90 23.51
N GLY A 15 3.72 -6.00 22.95
CA GLY A 15 3.39 -7.19 23.72
C GLY A 15 1.91 -7.25 24.03
N GLY A 16 1.21 -6.15 23.81
CA GLY A 16 -0.20 -6.04 24.15
C GLY A 16 -1.13 -6.50 23.04
N SER A 17 -2.41 -6.19 23.21
CA SER A 17 -3.44 -6.64 22.28
C SER A 17 -4.41 -5.52 21.93
N LEU A 18 -5.13 -5.71 20.83
CA LEU A 18 -6.10 -4.72 20.38
C LEU A 18 -6.95 -5.30 19.25
N ARG A 19 -8.24 -4.97 19.25
CA ARG A 19 -9.14 -5.45 18.21
C ARG A 19 -9.67 -4.32 17.35
N LEU A 20 -9.51 -4.45 16.03
CA LEU A 20 -10.07 -3.52 15.07
C LEU A 20 -11.37 -4.09 14.51
N SER A 21 -12.20 -3.22 13.97
CA SER A 21 -13.44 -3.65 13.34
C SER A 21 -13.73 -2.80 12.10
N CYS A 22 -14.44 -3.40 11.15
CA CYS A 22 -14.78 -2.73 9.90
C CYS A 22 -16.26 -2.91 9.60
N LEU A 23 -17.01 -1.82 9.61
CA LEU A 23 -18.45 -1.88 9.37
C LEU A 23 -18.74 -1.70 7.89
N ALA A 24 -19.43 -2.68 7.30
CA ALA A 24 -19.73 -2.67 5.87
C ALA A 24 -21.18 -2.30 5.59
N SER A 25 -21.42 -1.72 4.42
CA SER A 25 -22.76 -1.37 3.99
C SER A 25 -22.77 -1.12 2.48
N GLY A 26 -23.94 -1.17 1.87
CA GLY A 26 -24.08 -0.91 0.45
C GLY A 26 -23.97 -2.16 -0.40
N PHE A 27 -23.75 -3.31 0.23
CA PHE A 27 -23.67 -4.57 -0.50
C PHE A 27 -23.89 -5.77 0.41
N THR A 28 -24.12 -6.93 -0.20
CA THR A 28 -24.32 -8.17 0.54
C THR A 28 -22.98 -8.65 1.11
N PHE A 29 -22.76 -8.36 2.39
CA PHE A 29 -21.50 -8.64 3.06
C PHE A 29 -21.06 -10.10 2.96
N HIS A 30 -21.96 -11.01 3.32
CA HIS A 30 -21.62 -12.42 3.47
C HIS A 30 -21.36 -13.14 2.14
N LYS A 31 -21.40 -12.41 1.03
CA LYS A 31 -21.11 -13.01 -0.27
C LYS A 31 -19.66 -12.77 -0.70
N TYR A 32 -18.96 -11.91 0.03
CA TYR A 32 -17.61 -11.51 -0.35
C TYR A 32 -16.57 -11.85 0.69
N GLY A 33 -15.39 -12.28 0.22
CA GLY A 33 -14.24 -12.42 1.09
C GLY A 33 -13.73 -11.03 1.44
N MET A 34 -12.92 -10.94 2.49
CA MET A 34 -12.46 -9.64 2.98
C MET A 34 -11.00 -9.66 3.40
N HIS A 35 -10.31 -8.54 3.14
CA HIS A 35 -8.89 -8.41 3.41
C HIS A 35 -8.60 -7.38 4.50
N TRP A 36 -7.45 -7.53 5.15
CA TRP A 36 -6.84 -6.43 5.90
C TRP A 36 -5.50 -6.13 5.26
N VAL A 37 -5.22 -4.85 5.05
CA VAL A 37 -3.95 -4.42 4.50
C VAL A 37 -3.41 -3.27 5.35
N ARG A 38 -2.13 -3.33 5.68
CA ARG A 38 -1.52 -2.26 6.49
C ARG A 38 -0.58 -1.40 5.66
N GLN A 39 -0.33 -0.19 6.14
CA GLN A 39 0.63 0.70 5.52
C GLN A 39 1.37 1.47 6.60
N ALA A 40 2.62 1.08 6.83
CA ALA A 40 3.45 1.77 7.82
C ALA A 40 3.77 3.18 7.33
N PRO A 41 3.93 4.12 8.27
CA PRO A 41 4.23 5.52 7.96
C PRO A 41 5.29 5.68 6.87
N GLY A 42 4.86 6.22 5.73
CA GLY A 42 5.77 6.49 4.62
C GLY A 42 6.22 5.26 3.85
N LYS A 43 5.65 4.10 4.18
CA LYS A 43 6.02 2.86 3.51
C LYS A 43 4.87 2.41 2.59
N GLY A 44 5.01 1.24 1.99
CA GLY A 44 4.04 0.76 1.03
C GLY A 44 2.95 -0.10 1.61
N LEU A 45 2.00 -0.49 0.77
CA LEU A 45 0.91 -1.36 1.18
C LEU A 45 1.45 -2.76 1.43
N GLU A 46 0.93 -3.40 2.47
CA GLU A 46 1.36 -4.75 2.83
C GLU A 46 0.16 -5.58 3.25
N TRP A 47 -0.09 -6.66 2.50
CA TRP A 47 -1.23 -7.53 2.77
C TRP A 47 -1.06 -8.23 4.11
N VAL A 48 -2.14 -8.31 4.88
CA VAL A 48 -2.10 -8.87 6.22
C VAL A 48 -2.89 -10.17 6.32
N ALA A 49 -4.16 -10.13 5.95
CA ALA A 49 -5.01 -11.31 6.09
C ALA A 49 -6.21 -11.29 5.15
N LEU A 50 -6.73 -12.49 4.89
CA LEU A 50 -7.93 -12.66 4.07
C LEU A 50 -8.84 -13.70 4.73
N ILE A 51 -10.14 -13.44 4.70
CA ILE A 51 -11.11 -14.40 5.22
C ILE A 51 -12.25 -14.61 4.21
N SER A 52 -12.63 -15.87 4.00
CA SER A 52 -13.66 -16.21 3.02
C SER A 52 -15.03 -15.71 3.46
N ASP A 53 -15.95 -15.64 2.49
CA ASP A 53 -17.29 -15.13 2.73
C ASP A 53 -17.94 -15.70 3.99
N ASP A 54 -17.86 -17.01 4.17
CA ASP A 54 -18.53 -17.68 5.28
C ASP A 54 -17.67 -17.74 6.54
N GLY A 55 -16.42 -17.27 6.43
CA GLY A 55 -15.54 -17.19 7.57
C GLY A 55 -14.96 -18.52 8.01
N MET A 56 -14.95 -19.50 7.11
CA MET A 56 -14.43 -20.83 7.43
C MET A 56 -12.97 -21.00 7.01
N ARG A 57 -12.50 -20.14 6.11
CA ARG A 57 -11.13 -20.20 5.64
C ARG A 57 -10.42 -18.87 5.89
N LYS A 58 -9.29 -18.94 6.60
CA LYS A 58 -8.53 -17.75 6.94
C LYS A 58 -7.11 -17.85 6.39
N TYR A 59 -6.52 -16.70 6.07
CA TYR A 59 -5.13 -16.65 5.63
C TYR A 59 -4.45 -15.44 6.26
N HIS A 60 -3.24 -15.65 6.76
CA HIS A 60 -2.46 -14.57 7.36
C HIS A 60 -1.07 -14.54 6.76
N SER A 61 -0.55 -13.33 6.55
CA SER A 61 0.78 -13.17 5.99
C SER A 61 1.80 -13.78 6.93
N ASP A 62 2.92 -14.22 6.36
CA ASP A 62 3.99 -14.84 7.13
C ASP A 62 4.65 -13.87 8.12
N SER A 63 4.63 -12.58 7.79
CA SER A 63 5.32 -11.57 8.60
C SER A 63 4.54 -11.17 9.84
N MET A 64 3.24 -11.47 9.86
CA MET A 64 2.40 -11.13 11.01
C MET A 64 1.76 -12.35 11.67
N TRP A 65 1.96 -13.52 11.09
CA TRP A 65 1.40 -14.74 11.62
C TRP A 65 1.80 -14.92 13.09
N GLY A 66 0.80 -15.12 13.95
CA GLY A 66 1.03 -15.28 15.37
C GLY A 66 0.67 -14.02 16.14
N ARG A 67 0.50 -12.91 15.43
CA ARG A 67 0.15 -11.64 16.07
C ARG A 67 -1.18 -11.10 15.57
N VAL A 68 -1.81 -11.80 14.62
CA VAL A 68 -3.10 -11.39 14.09
C VAL A 68 -4.07 -12.55 13.96
N THR A 69 -5.35 -12.23 14.12
CA THR A 69 -6.42 -13.19 13.86
C THR A 69 -7.57 -12.46 13.19
N ILE A 70 -7.91 -12.89 11.99
CA ILE A 70 -9.01 -12.30 11.25
C ILE A 70 -10.29 -13.06 11.55
N SER A 71 -11.40 -12.35 11.58
CA SER A 71 -12.71 -12.97 11.76
C SER A 71 -13.80 -12.03 11.27
N ARG A 72 -15.04 -12.51 11.28
CA ARG A 72 -16.16 -11.72 10.79
C ARG A 72 -17.47 -12.17 11.44
N ASP A 73 -18.43 -11.27 11.46
CA ASP A 73 -19.78 -11.60 11.95
C ASP A 73 -20.79 -11.13 10.91
N ASN A 74 -21.19 -12.05 10.04
CA ASN A 74 -22.08 -11.71 8.92
C ASN A 74 -23.47 -11.27 9.38
N SER A 75 -23.83 -11.60 10.62
CA SER A 75 -25.13 -11.22 11.16
C SER A 75 -25.16 -9.73 11.50
N LYS A 76 -23.99 -9.10 11.53
CA LYS A 76 -23.93 -7.65 11.74
C LYS A 76 -22.90 -6.97 10.83
N ASN A 77 -22.68 -7.56 9.66
CA ASN A 77 -21.85 -6.94 8.63
C ASN A 77 -20.55 -6.33 9.14
N THR A 78 -19.80 -7.08 9.94
CA THR A 78 -18.58 -6.56 10.53
C THR A 78 -17.38 -7.49 10.36
N LEU A 79 -16.24 -6.90 10.02
CA LEU A 79 -14.99 -7.62 9.91
C LEU A 79 -14.10 -7.23 11.08
N TYR A 80 -13.44 -8.21 11.68
CA TYR A 80 -12.60 -7.96 12.84
C TYR A 80 -11.14 -8.31 12.58
N LEU A 81 -10.25 -7.70 13.37
CA LEU A 81 -8.85 -8.04 13.36
C LEU A 81 -8.31 -7.98 14.77
N GLN A 82 -7.98 -9.14 15.33
CA GLN A 82 -7.51 -9.24 16.70
C GLN A 82 -5.98 -9.28 16.75
N PHE A 83 -5.39 -8.31 17.43
CA PHE A 83 -3.94 -8.26 17.60
C PHE A 83 -3.51 -8.91 18.91
N SER A 84 -2.27 -9.37 18.96
CA SER A 84 -1.68 -9.87 20.19
C SER A 84 -0.16 -9.94 20.02
N SER A 85 0.55 -9.81 21.14
CA SER A 85 2.01 -9.85 21.13
C SER A 85 2.56 -8.82 20.17
N LEU A 86 1.92 -7.66 20.13
CA LEU A 86 2.24 -6.64 19.14
C LEU A 86 3.69 -6.17 19.24
N LYS A 87 4.26 -5.88 18.09
CA LYS A 87 5.62 -5.35 18.02
C LYS A 87 5.59 -3.87 17.70
N VAL A 88 6.58 -3.14 18.20
CA VAL A 88 6.75 -1.74 17.85
C VAL A 88 6.69 -1.59 16.32
N GLU A 89 7.20 -2.60 15.63
CA GLU A 89 7.32 -2.54 14.17
C GLU A 89 5.96 -2.63 13.48
N ASP A 90 4.96 -3.13 14.19
CA ASP A 90 3.63 -3.33 13.61
C ASP A 90 2.83 -2.02 13.47
N THR A 91 3.40 -0.92 13.96
CA THR A 91 2.76 0.38 13.85
C THR A 91 2.43 0.67 12.39
N ALA A 92 1.16 0.96 12.11
CA ALA A 92 0.73 1.18 10.74
C ALA A 92 -0.71 1.65 10.62
N MET A 93 -1.07 2.11 9.43
CA MET A 93 -2.47 2.33 9.06
C MET A 93 -3.03 1.01 8.58
N PHE A 94 -4.18 0.61 9.11
CA PHE A 94 -4.81 -0.64 8.70
C PHE A 94 -6.07 -0.41 7.89
N PHE A 95 -6.10 -1.00 6.70
CA PHE A 95 -7.19 -0.82 5.76
C PHE A 95 -8.09 -2.05 5.69
N CYS A 96 -9.38 -1.79 5.53
CA CYS A 96 -10.37 -2.82 5.30
C CYS A 96 -10.69 -2.81 3.82
N ALA A 97 -10.49 -3.93 3.13
CA ALA A 97 -10.73 -4.00 1.69
C ALA A 97 -11.54 -5.24 1.30
N ARG A 98 -12.44 -5.08 0.32
CA ARG A 98 -13.27 -6.18 -0.14
C ARG A 98 -12.61 -6.94 -1.29
N GLU A 99 -12.70 -8.26 -1.23
CA GLU A 99 -12.21 -9.10 -2.32
C GLU A 99 -13.27 -9.19 -3.41
N ALA A 100 -12.92 -8.70 -4.60
CA ALA A 100 -13.83 -8.78 -5.74
C ALA A 100 -14.07 -10.25 -6.08
N GLY A 101 -15.30 -10.56 -6.48
CA GLY A 101 -15.64 -11.92 -6.82
C GLY A 101 -17.04 -12.07 -7.39
N GLY A 102 -17.36 -13.28 -7.82
CA GLY A 102 -18.65 -13.59 -8.40
C GLY A 102 -18.60 -14.93 -9.11
N PRO A 103 -19.45 -15.11 -10.13
CA PRO A 103 -19.42 -16.35 -10.91
C PRO A 103 -18.34 -16.30 -11.98
N ILE A 104 -17.96 -17.47 -12.49
CA ILE A 104 -17.06 -17.55 -13.63
C ILE A 104 -17.86 -17.90 -14.88
N TRP A 105 -17.73 -17.09 -15.92
CA TRP A 105 -18.52 -17.28 -17.13
C TRP A 105 -17.85 -18.21 -18.13
N HIS A 106 -18.55 -19.27 -18.49
CA HIS A 106 -18.17 -20.12 -19.60
C HIS A 106 -19.39 -20.22 -20.51
N ASP A 107 -19.32 -19.58 -21.67
CA ASP A 107 -20.50 -19.35 -22.51
C ASP A 107 -21.41 -18.35 -21.76
N ASP A 108 -22.71 -18.63 -21.72
CA ASP A 108 -23.66 -17.71 -21.08
C ASP A 108 -24.11 -18.26 -19.73
N VAL A 109 -23.40 -19.26 -19.22
CA VAL A 109 -23.76 -19.89 -17.95
C VAL A 109 -22.80 -19.47 -16.84
N LYS A 110 -23.36 -18.95 -15.75
CA LYS A 110 -22.58 -18.52 -14.60
C LYS A 110 -22.27 -19.69 -13.69
N TYR A 111 -20.99 -19.88 -13.39
CA TYR A 111 -20.56 -20.96 -12.50
C TYR A 111 -20.19 -20.43 -11.12
N ASP A 113 -19.25 -21.35 -6.86
CA ASP A 113 -18.48 -22.30 -6.07
C ASP A 113 -19.40 -23.09 -5.13
N PHE A 114 -18.83 -23.92 -4.28
CA PHE A 114 -19.60 -24.69 -3.30
C PHE A 114 -20.60 -23.80 -2.59
N ASN A 115 -21.83 -24.30 -2.43
CA ASN A 115 -22.88 -23.57 -1.76
C ASN A 115 -23.23 -22.27 -2.48
N ASP A 116 -23.08 -22.27 -3.80
CA ASP A 116 -23.43 -21.12 -4.63
C ASP A 116 -22.58 -19.90 -4.25
N GLY A 117 -21.36 -20.15 -3.78
CA GLY A 117 -20.48 -19.08 -3.36
C GLY A 117 -19.68 -18.48 -4.49
N TYR A 118 -19.36 -17.19 -4.37
CA TYR A 118 -18.55 -16.50 -5.38
C TYR A 118 -17.15 -17.10 -5.47
N TYR A 119 -16.60 -17.10 -6.67
CA TYR A 119 -15.16 -17.32 -6.85
C TYR A 119 -14.48 -15.97 -6.65
N ASN A 120 -13.20 -15.99 -6.29
CA ASN A 120 -12.43 -14.76 -6.17
C ASN A 120 -11.97 -14.27 -7.52
N TYR A 121 -12.00 -12.95 -7.71
CA TYR A 121 -11.51 -12.32 -8.93
C TYR A 121 -10.08 -11.83 -8.75
N HIS A 122 -9.59 -11.91 -7.52
CA HIS A 122 -8.18 -11.63 -7.23
C HIS A 122 -7.83 -10.16 -7.38
N TYR A 123 -8.72 -9.28 -6.94
CA TYR A 123 -8.38 -7.87 -6.76
C TYR A 123 -9.34 -7.22 -5.77
N MET A 124 -8.91 -6.11 -5.18
CA MET A 124 -9.69 -5.43 -4.15
C MET A 124 -10.41 -4.23 -4.75
N ASP A 125 -11.73 -4.28 -4.73
CA ASP A 125 -12.54 -3.29 -5.46
C ASP A 125 -13.23 -2.30 -4.52
N VAL A 126 -13.10 -2.50 -3.22
CA VAL A 126 -13.62 -1.54 -2.25
C VAL A 126 -12.67 -1.42 -1.07
N TRP A 127 -12.42 -0.18 -0.64
CA TRP A 127 -11.50 0.08 0.45
C TRP A 127 -12.13 1.02 1.48
N GLY A 128 -11.64 0.94 2.71
CA GLY A 128 -12.06 1.85 3.76
C GLY A 128 -11.10 3.01 3.91
N LYS A 129 -11.38 3.88 4.87
CA LYS A 129 -10.53 5.06 5.11
C LYS A 129 -9.24 4.65 5.80
N GLY A 130 -9.33 3.60 6.61
CA GLY A 130 -8.19 3.13 7.37
C GLY A 130 -8.19 3.70 8.77
N THR A 131 -7.65 2.95 9.72
CA THR A 131 -7.53 3.42 11.09
C THR A 131 -6.10 3.17 11.60
N THR A 132 -5.58 4.11 12.37
CA THR A 132 -4.18 4.07 12.76
C THR A 132 -3.94 3.27 14.04
N VAL A 133 -2.90 2.43 14.02
CA VAL A 133 -2.50 1.67 15.19
C VAL A 133 -1.08 2.05 15.57
N THR A 134 -0.91 2.52 16.80
CA THR A 134 0.39 2.97 17.29
C THR A 134 0.89 2.06 18.42
N VAL A 135 2.00 1.38 18.17
CA VAL A 135 2.61 0.52 19.16
C VAL A 135 3.81 1.23 19.78
N SER A 136 3.69 1.60 21.06
CA SER A 136 4.71 2.42 21.71
C SER A 136 4.90 2.11 23.19
N SER A 137 6.13 2.24 23.66
CA SER A 137 6.46 2.04 25.07
C SER A 137 6.51 3.35 25.85
N ALA A 138 6.22 4.46 25.17
CA ALA A 138 6.51 5.79 25.70
C ALA A 138 5.39 6.31 26.60
N SER A 139 5.79 6.97 27.67
CA SER A 139 4.84 7.69 28.51
C SER A 139 4.71 9.10 27.97
N THR A 140 3.61 9.78 28.26
CA THR A 140 3.44 11.16 27.81
C THR A 140 4.56 12.03 28.38
N LYS A 141 5.21 12.78 27.51
CA LYS A 141 6.40 13.55 27.88
C LYS A 141 6.57 14.77 27.00
N GLY A 142 7.08 15.85 27.58
CA GLY A 142 7.30 17.08 26.84
C GLY A 142 8.64 17.12 26.12
N PRO A 143 8.73 17.94 25.06
CA PRO A 143 9.90 18.01 24.20
C PRO A 143 11.04 18.85 24.78
N SER A 144 12.24 18.60 24.31
CA SER A 144 13.38 19.47 24.57
C SER A 144 13.67 20.24 23.29
N VAL A 145 13.69 21.56 23.38
CA VAL A 145 13.86 22.40 22.20
C VAL A 145 15.27 22.98 22.13
N PHE A 146 15.98 22.65 21.06
CA PHE A 146 17.32 23.16 20.84
C PHE A 146 17.34 24.05 19.60
N PRO A 147 18.26 25.02 19.57
CA PRO A 147 18.32 25.93 18.43
C PRO A 147 19.27 25.45 17.34
N LEU A 148 18.89 25.68 16.09
CA LEU A 148 19.75 25.40 14.96
C LEU A 148 20.26 26.72 14.40
N ALA A 149 21.38 27.18 14.94
CA ALA A 149 21.94 28.48 14.57
C ALA A 149 22.00 28.64 13.06
N PRO A 150 21.76 29.87 12.58
CA PRO A 150 21.67 30.11 11.13
C PRO A 150 22.91 29.66 10.37
N SER A 151 22.70 29.06 9.21
CA SER A 151 23.78 28.61 8.35
C SER A 151 23.48 28.97 6.90
N SER A 152 24.50 29.33 6.15
CA SER A 152 24.33 29.75 4.77
C SER A 152 23.50 28.73 3.98
N LYS A 153 22.42 29.19 3.38
CA LYS A 153 21.59 28.34 2.54
C LYS A 153 21.96 28.58 1.09
N SER A 154 21.48 29.67 0.52
CA SER A 154 21.85 30.05 -0.83
C SER A 154 23.27 30.60 -0.82
N THR A 155 24.21 29.78 -1.27
CA THR A 155 25.61 30.18 -1.37
C THR A 155 25.68 31.67 -1.68
N SER A 156 25.13 32.05 -2.84
CA SER A 156 24.86 33.45 -3.14
C SER A 156 23.35 33.64 -3.01
N GLY A 157 22.86 34.83 -3.33
CA GLY A 157 21.45 35.12 -3.19
C GLY A 157 21.13 35.59 -1.78
N GLY A 158 22.13 35.54 -0.91
CA GLY A 158 22.02 36.10 0.43
C GLY A 158 20.91 35.53 1.28
N THR A 159 20.87 34.20 1.41
CA THR A 159 19.90 33.56 2.29
C THR A 159 20.60 32.62 3.26
N ALA A 160 20.09 32.58 4.48
CA ALA A 160 20.55 31.63 5.49
C ALA A 160 19.37 30.79 5.94
N ALA A 161 19.66 29.72 6.65
CA ALA A 161 18.61 28.85 7.19
C ALA A 161 18.84 28.62 8.67
N LEU A 162 17.81 28.87 9.48
CA LEU A 162 17.85 28.59 10.91
C LEU A 162 16.57 27.87 11.30
N GLY A 163 16.55 27.31 12.50
CA GLY A 163 15.38 26.58 12.95
C GLY A 163 15.46 26.08 14.37
N CYS A 164 14.47 25.29 14.76
CA CYS A 164 14.42 24.70 16.10
C CYS A 164 14.38 23.18 15.98
N LEU A 165 15.10 22.51 16.87
CA LEU A 165 15.08 21.06 16.96
C LEU A 165 14.24 20.65 18.16
N VAL A 166 13.05 20.10 17.89
CA VAL A 166 12.14 19.68 18.94
C VAL A 166 12.21 18.16 19.05
N LYS A 167 12.85 17.67 20.11
CA LYS A 167 13.12 16.23 20.21
C LYS A 167 12.58 15.56 21.46
N ASP A 168 12.21 14.29 21.30
CA ASP A 168 11.82 13.42 22.41
C ASP A 168 10.57 13.89 23.13
N TYR A 169 9.42 13.75 22.48
CA TYR A 169 8.13 14.06 23.10
C TYR A 169 7.12 12.99 22.71
N PHE A 170 6.07 12.87 23.51
CA PHE A 170 5.01 11.90 23.24
C PHE A 170 3.75 12.31 23.98
N PRO A 171 2.58 12.15 23.33
CA PRO A 171 2.43 11.74 21.94
C PRO A 171 2.38 12.96 21.03
N GLU A 172 2.04 12.76 19.76
CA GLU A 172 1.83 13.89 18.87
C GLU A 172 0.53 14.59 19.24
N PRO A 173 0.34 15.83 18.75
CA PRO A 173 1.27 16.58 17.93
C PRO A 173 1.91 17.76 18.66
N VAL A 174 2.95 18.32 18.06
CA VAL A 174 3.55 19.56 18.55
C VAL A 174 3.28 20.65 17.53
N THR A 175 2.94 21.84 18.02
CA THR A 175 2.75 23.00 17.15
C THR A 175 3.95 23.92 17.28
N VAL A 176 4.36 24.50 16.16
CA VAL A 176 5.49 25.42 16.13
C VAL A 176 5.14 26.67 15.33
N SER A 177 5.54 27.82 15.86
CA SER A 177 5.36 29.09 15.16
C SER A 177 6.60 29.94 15.41
N TRP A 178 6.72 31.04 14.66
CA TRP A 178 7.87 31.92 14.78
C TRP A 178 7.44 33.34 15.12
N ASN A 179 8.13 33.95 16.08
CA ASN A 179 7.77 35.27 16.56
C ASN A 179 6.27 35.39 16.78
N SER A 180 5.70 34.35 17.37
CA SER A 180 4.29 34.34 17.75
C SER A 180 3.38 34.42 16.52
N GLY A 181 3.85 33.87 15.40
CA GLY A 181 3.07 33.84 14.18
C GLY A 181 3.25 35.06 13.31
N ALA A 182 4.01 36.04 13.79
CA ALA A 182 4.28 37.25 13.02
C ALA A 182 5.12 36.90 11.80
N LEU A 183 5.95 35.88 11.93
CA LEU A 183 6.81 35.43 10.83
C LEU A 183 6.24 34.18 10.19
N THR A 184 5.83 34.30 8.93
CA THR A 184 5.26 33.18 8.18
C THR A 184 6.10 32.84 6.95
N SER A 185 6.54 33.87 6.23
CA SER A 185 7.31 33.70 5.01
C SER A 185 8.53 32.81 5.20
N GLY A 186 8.64 31.80 4.35
CA GLY A 186 9.80 30.93 4.33
C GLY A 186 9.84 29.94 5.48
N VAL A 187 8.73 29.79 6.19
CA VAL A 187 8.67 28.85 7.31
C VAL A 187 8.20 27.48 6.85
N HIS A 188 8.83 26.43 7.39
CA HIS A 188 8.43 25.07 7.10
C HIS A 188 8.67 24.17 8.31
N THR A 189 7.63 23.49 8.76
CA THR A 189 7.73 22.54 9.86
C THR A 189 7.57 21.13 9.32
N PHE A 190 8.58 20.30 9.55
CA PHE A 190 8.59 18.94 9.03
C PHE A 190 7.73 18.01 9.87
N PRO A 191 7.21 16.94 9.24
CA PRO A 191 6.50 15.89 9.97
C PRO A 191 7.39 15.29 11.05
N ALA A 192 6.78 14.61 12.01
CA ALA A 192 7.53 14.03 13.13
C ALA A 192 8.21 12.73 12.72
N VAL A 193 9.40 12.50 13.27
CA VAL A 193 10.14 11.27 13.04
C VAL A 193 10.19 10.48 14.34
N LEU A 194 10.01 9.17 14.24
CA LEU A 194 9.92 8.32 15.42
C LEU A 194 11.21 7.57 15.69
N GLN A 195 11.77 7.77 16.87
CA GLN A 195 12.97 7.06 17.31
C GLN A 195 12.59 5.71 17.91
N SER A 196 13.59 4.87 18.16
CA SER A 196 13.36 3.55 18.73
C SER A 196 12.95 3.66 20.20
N SER A 197 13.12 4.83 20.78
CA SER A 197 12.71 5.09 22.15
C SER A 197 11.18 5.15 22.25
N GLY A 198 10.54 5.38 21.11
CA GLY A 198 9.09 5.53 21.06
C GLY A 198 8.69 6.99 21.19
N LEU A 199 9.68 7.88 21.22
CA LEU A 199 9.43 9.31 21.34
C LEU A 199 9.55 9.98 19.97
N TYR A 200 8.91 11.14 19.84
CA TYR A 200 8.91 11.87 18.58
C TYR A 200 9.93 13.00 18.57
N SER A 201 10.38 13.36 17.37
CA SER A 201 11.23 14.52 17.18
C SER A 201 10.86 15.16 15.85
N LEU A 202 10.94 16.49 15.78
CA LEU A 202 10.73 17.19 14.52
C LEU A 202 11.57 18.45 14.46
N SER A 203 11.63 19.04 13.27
CA SER A 203 12.35 20.29 13.08
C SER A 203 11.44 21.32 12.42
N SER A 204 11.67 22.58 12.75
CA SER A 204 11.00 23.69 12.09
C SER A 204 12.08 24.66 11.63
N VAL A 205 12.09 24.94 10.33
CA VAL A 205 13.12 25.80 9.74
C VAL A 205 12.50 27.01 9.06
N VAL A 206 13.30 28.05 8.88
CA VAL A 206 12.88 29.21 8.12
C VAL A 206 14.04 29.79 7.34
N THR A 207 13.78 30.16 6.10
CA THR A 207 14.79 30.77 5.25
C THR A 207 14.69 32.29 5.37
N VAL A 208 15.81 32.93 5.68
CA VAL A 208 15.84 34.37 5.88
C VAL A 208 17.06 35.00 5.23
N PRO A 209 16.98 36.31 4.93
CA PRO A 209 18.12 37.04 4.36
C PRO A 209 19.29 37.11 5.32
N SER A 210 20.49 36.80 4.84
CA SER A 210 21.68 36.85 5.66
C SER A 210 21.89 38.25 6.23
N SER A 211 21.45 39.26 5.48
CA SER A 211 21.67 40.66 5.86
C SER A 211 20.92 41.05 7.13
N SER A 212 19.81 40.37 7.41
CA SER A 212 18.95 40.72 8.52
C SER A 212 19.46 40.19 9.86
N LEU A 213 20.34 39.20 9.80
CA LEU A 213 20.89 38.58 11.01
C LEU A 213 21.69 39.59 11.83
N GLY A 214 21.46 39.59 13.13
CA GLY A 214 22.16 40.51 14.02
C GLY A 214 21.34 41.77 14.29
N THR A 215 20.40 42.06 13.40
CA THR A 215 19.50 43.19 13.57
C THR A 215 18.05 42.73 13.65
N GLN A 216 17.83 41.43 13.48
CA GLN A 216 16.49 40.86 13.49
C GLN A 216 16.43 39.66 14.42
N THR A 217 15.40 39.64 15.27
CA THR A 217 15.26 38.59 16.28
C THR A 217 14.40 37.44 15.78
N TYR A 218 14.76 36.22 16.17
CA TYR A 218 14.06 35.02 15.74
C TYR A 218 13.78 34.09 16.90
N ILE A 219 12.50 33.96 17.25
CA ILE A 219 12.08 33.09 18.34
C ILE A 219 11.06 32.07 17.84
N CYS A 220 11.26 30.81 18.16
CA CYS A 220 10.30 29.77 17.85
C CYS A 220 9.45 29.49 19.08
N ASN A 221 8.16 29.23 18.86
CA ASN A 221 7.24 28.95 19.96
C ASN A 221 6.73 27.53 19.87
N VAL A 222 7.29 26.66 20.70
CA VAL A 222 6.90 25.25 20.71
C VAL A 222 5.87 24.99 21.79
N ASN A 223 4.79 24.32 21.42
CA ASN A 223 3.70 24.05 22.34
C ASN A 223 3.22 22.60 22.22
N HIS A 224 3.35 21.85 23.31
CA HIS A 224 2.95 20.45 23.34
C HIS A 224 1.82 20.27 24.36
N LYS A 225 0.58 20.32 23.88
CA LYS A 225 -0.60 20.29 24.75
C LYS A 225 -0.72 19.04 25.59
N PRO A 226 -0.38 17.87 25.02
CA PRO A 226 -0.48 16.62 25.79
C PRO A 226 0.19 16.70 27.16
N SER A 227 1.31 17.41 27.23
CA SER A 227 2.05 17.56 28.49
C SER A 227 1.93 18.98 29.03
N ASN A 228 1.14 19.81 28.37
CA ASN A 228 0.98 21.21 28.74
C ASN A 228 2.32 21.95 28.73
N THR A 229 3.16 21.63 27.75
CA THR A 229 4.46 22.26 27.63
C THR A 229 4.41 23.42 26.64
N LYS A 230 4.91 24.57 27.05
CA LYS A 230 5.11 25.70 26.14
C LYS A 230 6.53 26.22 26.29
N VAL A 231 7.22 26.36 25.17
CA VAL A 231 8.62 26.78 25.18
C VAL A 231 8.91 27.77 24.06
N ASP A 232 9.64 28.82 24.40
CA ASP A 232 10.09 29.79 23.41
C ASP A 232 11.62 29.78 23.37
N LYS A 233 12.18 29.53 22.19
CA LYS A 233 13.63 29.47 22.05
C LYS A 233 14.16 30.52 21.09
N ARG A 234 15.06 31.37 21.58
CA ARG A 234 15.73 32.34 20.73
C ARG A 234 16.81 31.65 19.90
N VAL A 235 16.71 31.77 18.58
CA VAL A 235 17.73 31.25 17.70
C VAL A 235 18.62 32.39 17.21
N GLU A 236 19.89 32.35 17.59
CA GLU A 236 20.82 33.42 17.25
C GLU A 236 22.10 32.86 16.62
N PRO A 237 22.85 33.70 15.90
CA PRO A 237 24.11 33.31 15.26
C PRO A 237 25.14 32.81 16.27
N LYS A 238 25.89 31.77 15.90
CA LYS A 238 26.90 31.22 16.80
C LYS A 238 28.27 31.85 16.54
N SER A 239 29.15 31.76 17.53
CA SER A 239 30.46 32.40 17.47
C SER A 239 31.36 31.77 16.43
N CYS A 240 31.98 30.65 16.77
CA CYS A 240 32.90 29.96 15.87
C CYS A 240 32.29 28.66 15.36
N GLN B 1 7.87 -13.21 1.39
CA GLN B 1 7.37 -12.12 2.27
C GLN B 1 8.04 -10.80 1.94
N SER B 2 9.04 -10.84 1.06
CA SER B 2 9.65 -9.63 0.53
C SER B 2 8.81 -9.08 -0.61
N ALA B 3 8.47 -7.80 -0.51
CA ALA B 3 7.58 -7.15 -1.47
C ALA B 3 8.04 -7.35 -2.92
N LEU B 4 7.13 -7.14 -3.85
CA LEU B 4 7.48 -7.11 -5.26
C LEU B 4 8.32 -5.87 -5.50
N THR B 5 9.21 -5.93 -6.49
CA THR B 5 10.13 -4.82 -6.73
C THR B 5 9.61 -3.86 -7.79
N GLN B 6 9.51 -2.59 -7.43
CA GLN B 6 9.10 -1.54 -8.36
C GLN B 6 10.12 -0.41 -8.29
N PRO B 7 10.16 0.44 -9.32
CA PRO B 7 11.02 1.62 -9.24
C PRO B 7 10.47 2.59 -8.20
N ALA B 8 11.34 3.21 -7.41
CA ALA B 8 10.91 4.08 -6.34
C ALA B 8 10.12 5.27 -6.86
N SER B 9 10.53 5.78 -8.02
CA SER B 9 10.02 7.04 -8.52
C SER B 9 10.11 7.15 -10.04
N VAL B 10 9.05 7.68 -10.65
CA VAL B 10 9.07 8.03 -12.07
C VAL B 10 8.26 9.31 -12.27
N SER B 11 8.45 9.95 -13.42
CA SER B 11 7.72 11.18 -13.72
C SER B 11 7.69 11.46 -15.21
N GLY B 12 6.71 12.24 -15.64
CA GLY B 12 6.58 12.62 -17.03
C GLY B 12 5.67 13.82 -17.19
N SER B 13 5.76 14.49 -18.34
CA SER B 13 4.93 15.65 -18.63
C SER B 13 3.49 15.21 -18.90
N PRO B 14 2.54 16.14 -18.76
CA PRO B 14 1.15 15.83 -19.13
C PRO B 14 1.09 15.41 -20.60
N GLY B 15 0.44 14.28 -20.88
CA GLY B 15 0.35 13.79 -22.25
C GLY B 15 1.46 12.81 -22.59
N GLN B 16 2.42 12.66 -21.68
CA GLN B 16 3.52 11.73 -21.89
C GLN B 16 3.13 10.32 -21.53
N THR B 17 3.78 9.36 -22.18
CA THR B 17 3.60 7.95 -21.84
C THR B 17 4.68 7.52 -20.86
N ILE B 18 4.29 6.77 -19.83
CA ILE B 18 5.24 6.22 -18.87
C ILE B 18 4.87 4.80 -18.50
N THR B 19 5.84 4.05 -17.99
CA THR B 19 5.63 2.65 -17.64
C THR B 19 6.26 2.34 -16.28
N ILE B 20 5.59 1.48 -15.52
CA ILE B 20 6.11 1.03 -14.24
C ILE B 20 6.19 -0.49 -14.26
N SER B 21 7.34 -1.04 -13.85
CA SER B 21 7.53 -2.48 -13.86
C SER B 21 7.36 -3.07 -12.46
N CYS B 22 7.07 -4.37 -12.42
CA CYS B 22 6.80 -5.05 -11.17
C CYS B 22 7.47 -6.43 -11.18
N GLN B 23 8.66 -6.50 -10.58
CA GLN B 23 9.47 -7.72 -10.61
C GLN B 23 9.05 -8.69 -9.50
N GLY B 24 8.82 -9.94 -9.88
CA GLY B 24 8.39 -10.97 -8.93
C GLY B 24 9.09 -12.29 -9.13
N THR B 25 8.40 -13.38 -8.78
CA THR B 25 8.95 -14.72 -8.92
C THR B 25 7.90 -15.67 -9.50
N SER B 26 8.31 -16.90 -9.78
CA SER B 26 7.43 -17.88 -10.40
C SER B 26 6.33 -18.34 -9.44
N SER B 27 6.42 -17.96 -8.17
CA SER B 27 5.42 -18.33 -7.17
C SER B 27 4.34 -17.26 -7.04
N ASP B 28 4.49 -16.16 -7.78
CA ASP B 28 3.49 -15.09 -7.75
C ASP B 28 3.20 -14.52 -9.14
N VAL B 29 3.93 -13.47 -9.52
CA VAL B 29 3.67 -12.80 -10.79
C VAL B 29 3.83 -13.72 -11.99
N GLY B 30 4.77 -14.65 -11.90
CA GLY B 30 5.02 -15.59 -12.99
C GLY B 30 4.25 -16.89 -12.83
N GLY B 31 3.28 -16.91 -11.92
CA GLY B 31 2.51 -18.11 -11.65
C GLY B 31 1.03 -17.99 -11.94
N PHE B 32 0.55 -16.75 -12.08
CA PHE B 32 -0.86 -16.49 -12.33
C PHE B 32 -1.05 -15.25 -13.19
N ASP B 33 -2.20 -15.17 -13.84
CA ASP B 33 -2.59 -13.96 -14.57
C ASP B 33 -3.47 -13.12 -13.64
N SER B 34 -2.97 -12.89 -12.43
CA SER B 34 -3.75 -12.24 -11.39
C SER B 34 -2.97 -11.07 -10.79
N VAL B 35 -2.41 -10.24 -11.66
CA VAL B 35 -1.68 -9.05 -11.21
C VAL B 35 -2.57 -7.83 -11.29
N SER B 36 -2.72 -7.12 -10.18
CA SER B 36 -3.55 -5.94 -10.12
C SER B 36 -2.74 -4.72 -9.69
N TRP B 37 -3.16 -3.55 -10.14
CA TRP B 37 -2.46 -2.31 -9.83
C TRP B 37 -3.40 -1.35 -9.11
N TYR B 38 -2.88 -0.69 -8.08
CA TYR B 38 -3.68 0.23 -7.28
C TYR B 38 -3.02 1.60 -7.26
N GLN B 39 -3.85 2.64 -7.37
CA GLN B 39 -3.36 4.00 -7.26
C GLN B 39 -3.80 4.58 -5.93
N GLN B 40 -2.88 5.31 -5.28
CA GLN B 40 -3.18 5.93 -4.00
C GLN B 40 -2.96 7.43 -4.09
N SER B 41 -4.06 8.18 -4.20
CA SER B 41 -3.98 9.63 -4.23
C SER B 41 -3.76 10.14 -2.81
N PRO B 42 -3.08 11.28 -2.68
CA PRO B 42 -2.87 11.86 -1.34
C PRO B 42 -4.20 12.07 -0.62
N GLY B 43 -4.34 11.44 0.54
CA GLY B 43 -5.55 11.59 1.35
C GLY B 43 -6.57 10.49 1.12
N LYS B 44 -6.67 10.00 -0.11
CA LYS B 44 -7.70 9.03 -0.48
C LYS B 44 -7.23 7.60 -0.27
N ALA B 45 -8.19 6.68 -0.22
CA ALA B 45 -7.90 5.25 -0.13
C ALA B 45 -7.44 4.74 -1.49
N PRO B 46 -6.72 3.60 -1.51
CA PRO B 46 -6.28 3.00 -2.78
C PRO B 46 -7.45 2.69 -3.72
N LYS B 47 -7.14 2.52 -5.00
CA LYS B 47 -8.18 2.34 -6.02
C LYS B 47 -7.62 1.51 -7.16
N VAL B 48 -8.32 0.43 -7.50
CA VAL B 48 -7.92 -0.43 -8.60
C VAL B 48 -7.94 0.31 -9.93
N MET B 49 -6.87 0.10 -10.70
CA MET B 49 -6.74 0.67 -12.03
C MET B 49 -6.71 -0.44 -13.07
N VAL B 50 -6.05 -1.53 -12.73
CA VAL B 50 -5.93 -2.68 -13.62
C VAL B 50 -5.93 -3.98 -12.81
N PHE B 51 -6.65 -4.98 -13.31
CA PHE B 51 -6.64 -6.30 -12.69
C PHE B 51 -6.46 -7.39 -13.75
N ASP B 52 -6.09 -8.58 -13.31
CA ASP B 52 -5.79 -9.69 -14.21
C ASP B 52 -4.81 -9.26 -15.28
N VAL B 53 -3.75 -8.57 -14.85
CA VAL B 53 -2.66 -8.15 -15.72
C VAL B 53 -3.02 -6.98 -16.63
N SER B 54 -4.07 -7.13 -17.44
CA SER B 54 -4.34 -6.16 -18.49
C SER B 54 -5.81 -5.77 -18.62
N HIS B 55 -6.62 -6.09 -17.61
CA HIS B 55 -8.04 -5.72 -17.65
C HIS B 55 -8.30 -4.47 -16.82
N ARG B 56 -9.31 -3.71 -17.23
CA ARG B 56 -9.68 -2.48 -16.53
C ARG B 56 -11.09 -2.61 -15.96
N PRO B 57 -11.29 -2.16 -14.71
CA PRO B 57 -12.64 -2.13 -14.17
C PRO B 57 -13.47 -1.01 -14.80
N SER B 58 -14.79 -1.15 -14.75
CA SER B 58 -15.68 -0.13 -15.31
C SER B 58 -15.35 1.24 -14.74
N GLY B 59 -15.19 2.22 -15.62
CA GLY B 59 -14.94 3.59 -15.20
C GLY B 59 -13.51 4.04 -15.42
N ILE B 60 -12.58 3.10 -15.45
CA ILE B 60 -11.17 3.43 -15.66
C ILE B 60 -10.88 3.76 -17.12
N SER B 61 -10.16 4.86 -17.32
CA SER B 61 -9.78 5.32 -18.65
C SER B 61 -8.95 4.28 -19.41
N ASN B 62 -9.14 4.25 -20.73
CA ASN B 62 -8.37 3.34 -21.57
C ASN B 62 -6.88 3.69 -21.61
N ARG B 63 -6.54 4.85 -21.05
CA ARG B 63 -5.15 5.27 -20.94
C ARG B 63 -4.31 4.25 -20.18
N PHE B 64 -4.93 3.60 -19.19
CA PHE B 64 -4.22 2.64 -18.37
C PHE B 64 -4.24 1.27 -19.02
N SER B 65 -3.08 0.61 -19.03
CA SER B 65 -2.97 -0.73 -19.57
C SER B 65 -1.81 -1.46 -18.91
N GLY B 66 -1.93 -2.77 -18.79
CA GLY B 66 -0.88 -3.57 -18.19
C GLY B 66 -0.50 -4.75 -19.05
N SER B 67 0.70 -5.26 -18.83
CA SER B 67 1.18 -6.46 -19.52
C SER B 67 2.06 -7.26 -18.58
N LYS B 68 2.39 -8.49 -18.98
CA LYS B 68 3.24 -9.34 -18.17
C LYS B 68 4.17 -10.16 -19.05
N SER B 69 5.35 -10.46 -18.52
CA SER B 69 6.31 -11.30 -19.22
C SER B 69 7.21 -11.97 -18.19
N GLY B 70 7.17 -13.30 -18.16
CA GLY B 70 7.93 -14.06 -17.20
C GLY B 70 7.50 -13.70 -15.78
N ASN B 71 8.44 -13.18 -15.00
CA ASN B 71 8.18 -12.86 -13.60
C ASN B 71 8.00 -11.37 -13.35
N THR B 72 7.96 -10.58 -14.42
CA THR B 72 7.76 -9.14 -14.29
C THR B 72 6.48 -8.69 -14.98
N ALA B 73 5.78 -7.76 -14.34
CA ALA B 73 4.58 -7.18 -14.91
C ALA B 73 4.80 -5.68 -15.05
N SER B 74 3.93 -5.02 -15.81
CA SER B 74 4.09 -3.58 -16.00
C SER B 74 2.75 -2.87 -16.19
N LEU B 75 2.69 -1.64 -15.68
CA LEU B 75 1.55 -0.75 -15.90
C LEU B 75 2.02 0.40 -16.78
N THR B 76 1.25 0.70 -17.83
CA THR B 76 1.57 1.81 -18.70
C THR B 76 0.44 2.83 -18.70
N ILE B 77 0.81 4.09 -18.54
CA ILE B 77 -0.13 5.19 -18.64
C ILE B 77 0.26 6.04 -19.84
N SER B 78 -0.48 5.89 -20.93
CA SER B 78 -0.17 6.60 -22.16
C SER B 78 -0.97 7.90 -22.25
N GLY B 79 -0.36 8.98 -21.78
CA GLY B 79 -1.02 10.28 -21.76
C GLY B 79 -1.38 10.70 -20.36
N LEU B 80 -0.37 11.02 -19.56
CA LEU B 80 -0.58 11.43 -18.18
C LEU B 80 -1.54 12.62 -18.09
N HIS B 81 -2.54 12.47 -17.22
CA HIS B 81 -3.34 13.60 -16.77
C HIS B 81 -2.83 13.98 -15.40
N ILE B 82 -3.16 15.18 -14.94
CA ILE B 82 -2.71 15.64 -13.62
C ILE B 82 -3.22 14.74 -12.50
N GLU B 83 -4.38 14.11 -12.70
CA GLU B 83 -4.98 13.29 -11.65
C GLU B 83 -4.36 11.89 -11.57
N ASP B 84 -3.35 11.63 -12.40
CA ASP B 84 -2.64 10.36 -12.36
C ASP B 84 -1.56 10.37 -11.30
N GLU B 85 -1.27 11.55 -10.78
CA GLU B 85 -0.25 11.72 -9.75
C GLU B 85 -0.64 10.93 -8.50
N GLY B 86 0.35 10.28 -7.89
CA GLY B 86 0.12 9.50 -6.69
C GLY B 86 1.08 8.33 -6.56
N ASP B 87 0.78 7.42 -5.65
CA ASP B 87 1.61 6.23 -5.44
C ASP B 87 0.95 5.01 -6.06
N TYR B 88 1.74 4.21 -6.77
CA TYR B 88 1.21 3.04 -7.45
C TYR B 88 1.81 1.75 -6.91
N PHE B 89 0.95 0.78 -6.67
CA PHE B 89 1.36 -0.50 -6.10
C PHE B 89 0.83 -1.65 -6.95
N CYS B 90 1.73 -2.51 -7.41
CA CYS B 90 1.33 -3.75 -8.06
C CYS B 90 1.01 -4.78 -6.99
N SER B 91 0.24 -5.79 -7.35
CA SER B 91 -0.16 -6.83 -6.41
C SER B 91 -0.37 -8.14 -7.17
N SER B 92 -0.04 -9.26 -6.52
CA SER B 92 -0.17 -10.56 -7.17
C SER B 92 -0.66 -11.63 -6.21
N LEU B 93 -1.52 -12.51 -6.74
CA LEU B 93 -1.88 -13.74 -6.06
C LEU B 93 -0.65 -14.61 -5.96
N THR B 94 -0.53 -15.36 -4.87
CA THR B 94 0.60 -16.27 -4.67
C THR B 94 0.12 -17.72 -4.75
N ASP B 95 1.08 -18.63 -4.86
CA ASP B 95 0.76 -20.06 -4.98
C ASP B 95 0.27 -20.64 -3.64
N ARG B 96 0.29 -19.80 -2.61
CA ARG B 96 -0.22 -20.19 -1.31
C ARG B 96 -1.54 -19.48 -1.03
N SER B 97 -2.10 -18.86 -2.06
CA SER B 97 -3.35 -18.13 -1.95
C SER B 97 -3.25 -16.91 -1.04
N HIS B 98 -2.04 -16.39 -0.88
CA HIS B 98 -1.86 -15.09 -0.23
C HIS B 98 -1.86 -13.99 -1.28
N ARG B 99 -1.73 -12.75 -0.84
CA ARG B 99 -1.49 -11.63 -1.73
C ARG B 99 -0.18 -10.98 -1.33
N ILE B 100 0.53 -10.44 -2.31
CA ILE B 100 1.75 -9.71 -2.03
C ILE B 100 1.80 -8.44 -2.88
N PHE B 101 2.14 -7.33 -2.23
CA PHE B 101 2.22 -6.03 -2.89
C PHE B 101 3.66 -5.65 -3.21
N GLY B 102 3.83 -4.78 -4.19
CA GLY B 102 5.14 -4.22 -4.50
C GLY B 102 5.45 -3.06 -3.58
N GLY B 103 6.71 -2.63 -3.59
CA GLY B 103 7.18 -1.59 -2.69
C GLY B 103 6.58 -0.22 -2.95
N GLY B 104 6.01 -0.04 -4.14
CA GLY B 104 5.34 1.21 -4.48
C GLY B 104 6.18 2.13 -5.34
N THR B 105 5.51 2.87 -6.22
CA THR B 105 6.18 3.84 -7.09
C THR B 105 5.51 5.20 -6.99
N LYS B 106 6.29 6.24 -6.74
CA LYS B 106 5.75 7.60 -6.73
C LYS B 106 5.72 8.13 -8.15
N VAL B 107 4.53 8.53 -8.60
CA VAL B 107 4.33 9.05 -9.94
C VAL B 107 4.05 10.54 -9.89
N THR B 108 4.94 11.32 -10.50
CA THR B 108 4.78 12.77 -10.55
C THR B 108 4.41 13.21 -11.95
N VAL B 109 3.37 14.03 -12.06
CA VAL B 109 3.02 14.66 -13.32
C VAL B 109 3.60 16.07 -13.32
N LEU B 110 4.74 16.21 -13.99
CA LEU B 110 5.52 17.44 -13.97
C LEU B 110 4.66 18.66 -14.31
N GLY B 111 4.48 19.53 -13.31
CA GLY B 111 3.67 20.73 -13.48
C GLY B 111 4.47 21.99 -13.28
N GLN B 112 5.78 21.86 -13.11
CA GLN B 112 6.66 23.01 -12.95
C GLN B 112 8.10 22.62 -13.23
N PRO B 113 8.98 23.61 -13.42
CA PRO B 113 10.40 23.35 -13.68
C PRO B 113 11.04 22.46 -12.62
N LYS B 114 11.83 21.49 -13.06
CA LYS B 114 12.56 20.63 -12.13
C LYS B 114 13.61 21.46 -11.39
N ALA B 115 13.77 21.19 -10.10
CA ALA B 115 14.72 21.92 -9.28
C ALA B 115 15.56 20.96 -8.44
N ALA B 116 16.87 21.21 -8.40
CA ALA B 116 17.76 20.45 -7.55
C ALA B 116 17.64 20.94 -6.12
N PRO B 117 17.85 20.04 -5.15
CA PRO B 117 17.68 20.41 -3.74
C PRO B 117 18.84 21.24 -3.20
N SER B 118 18.55 22.23 -2.37
CA SER B 118 19.58 22.93 -1.63
C SER B 118 19.73 22.24 -0.28
N VAL B 119 20.96 21.96 0.11
CA VAL B 119 21.22 21.16 1.30
C VAL B 119 22.01 21.94 2.34
N THR B 120 21.45 22.04 3.54
CA THR B 120 22.10 22.71 4.65
C THR B 120 22.29 21.73 5.80
N LEU B 121 23.54 21.59 6.26
CA LEU B 121 23.85 20.63 7.31
C LEU B 121 24.20 21.33 8.62
N PHE B 122 23.37 21.10 9.64
CA PHE B 122 23.55 21.73 10.94
C PHE B 122 24.35 20.85 11.89
N PRO B 123 25.43 21.41 12.49
CA PRO B 123 26.16 20.68 13.52
C PRO B 123 25.38 20.64 14.84
N PRO B 124 25.77 19.76 15.76
CA PRO B 124 25.11 19.71 17.08
C PRO B 124 25.18 21.06 17.78
N SER B 125 24.05 21.52 18.31
CA SER B 125 24.02 22.80 19.02
C SER B 125 24.82 22.68 20.32
N SER B 126 25.38 23.80 20.77
CA SER B 126 26.16 23.82 21.99
C SER B 126 25.30 23.37 23.18
N GLU B 127 24.03 23.77 23.17
CA GLU B 127 23.12 23.43 24.27
C GLU B 127 22.91 21.93 24.35
N GLU B 128 22.70 21.29 23.21
CA GLU B 128 22.47 19.85 23.19
C GLU B 128 23.71 19.12 23.66
N LEU B 129 24.88 19.62 23.27
CA LEU B 129 26.14 19.02 23.69
C LEU B 129 26.27 19.05 25.21
N GLN B 130 25.91 20.17 25.82
CA GLN B 130 25.96 20.30 27.28
C GLN B 130 24.98 19.33 27.92
N ALA B 131 23.92 18.98 27.18
CA ALA B 131 22.94 18.01 27.66
C ALA B 131 23.40 16.58 27.35
N ASN B 132 24.63 16.44 26.88
CA ASN B 132 25.22 15.14 26.64
C ASN B 132 24.57 14.39 25.49
N LYS B 133 24.21 15.12 24.43
CA LYS B 133 23.62 14.53 23.24
C LYS B 133 24.15 15.26 22.01
N ALA B 134 23.93 14.66 20.83
CA ALA B 134 24.44 15.23 19.59
C ALA B 134 23.61 14.77 18.41
N THR B 135 23.00 15.73 17.70
CA THR B 135 22.21 15.43 16.53
C THR B 135 22.64 16.28 15.35
N LEU B 136 22.95 15.63 14.22
CA LEU B 136 23.23 16.32 12.98
C LEU B 136 21.94 16.42 12.17
N VAL B 137 21.61 17.63 11.74
CA VAL B 137 20.37 17.86 11.00
C VAL B 137 20.68 18.25 9.56
N CYS B 138 20.15 17.47 8.61
CA CYS B 138 20.34 17.74 7.21
C CYS B 138 19.03 18.27 6.61
N LEU B 139 19.01 19.57 6.33
CA LEU B 139 17.85 20.20 5.73
C LEU B 139 17.92 20.14 4.20
N ILE B 140 16.92 19.52 3.59
CA ILE B 140 16.84 19.39 2.14
C ILE B 140 15.60 20.13 1.67
N SER B 141 15.79 21.13 0.80
CA SER B 141 14.68 22.01 0.44
C SER B 141 14.66 22.46 -1.02
N ASP B 142 13.49 22.93 -1.43
CA ASP B 142 13.29 23.53 -2.75
C ASP B 142 13.70 22.60 -3.90
N PHE B 143 13.19 21.37 -3.88
CA PHE B 143 13.46 20.44 -4.96
C PHE B 143 12.17 19.93 -5.60
N TYR B 144 12.28 19.52 -6.86
CA TYR B 144 11.14 19.01 -7.62
C TYR B 144 11.65 18.18 -8.78
N PRO B 145 11.07 16.99 -9.01
CA PRO B 145 9.95 16.39 -8.27
C PRO B 145 10.33 16.03 -6.84
N GLY B 146 9.35 15.60 -6.05
CA GLY B 146 9.54 15.39 -4.62
C GLY B 146 9.94 13.98 -4.24
N ALA B 147 11.15 13.57 -4.63
CA ALA B 147 11.66 12.24 -4.30
C ALA B 147 13.18 12.28 -4.19
N VAL B 148 13.70 11.84 -3.07
CA VAL B 148 15.14 11.83 -2.82
C VAL B 148 15.56 10.61 -2.01
N THR B 149 16.85 10.30 -2.05
CA THR B 149 17.43 9.32 -1.16
C THR B 149 18.62 9.97 -0.44
N VAL B 150 18.80 9.64 0.83
CA VAL B 150 19.83 10.26 1.65
C VAL B 150 20.83 9.24 2.17
N ALA B 151 22.08 9.67 2.31
CA ALA B 151 23.14 8.79 2.80
C ALA B 151 24.18 9.58 3.59
N TRP B 152 24.50 9.09 4.78
CA TRP B 152 25.43 9.78 5.67
C TRP B 152 26.80 9.13 5.64
N LYS B 153 27.83 9.94 5.88
CA LYS B 153 29.20 9.44 5.92
C LYS B 153 29.99 10.08 7.06
N ALA B 154 30.68 9.25 7.84
CA ALA B 154 31.60 9.73 8.85
C ALA B 154 33.01 9.60 8.28
N ASP B 155 33.67 10.75 8.05
CA ASP B 155 34.90 10.77 7.28
C ASP B 155 34.62 10.25 5.89
N SER B 156 35.26 9.15 5.50
CA SER B 156 35.03 8.54 4.19
C SER B 156 34.03 7.39 4.29
N SER B 157 33.83 6.88 5.50
CA SER B 157 32.99 5.70 5.69
C SER B 157 31.51 6.04 5.71
N PRO B 158 30.67 5.16 5.12
CA PRO B 158 29.21 5.30 5.19
C PRO B 158 28.70 5.00 6.59
N VAL B 159 27.53 5.54 6.93
CA VAL B 159 26.96 5.36 8.27
C VAL B 159 25.50 4.95 8.18
N LYS B 160 25.20 3.77 8.73
CA LYS B 160 23.85 3.20 8.65
C LYS B 160 23.02 3.54 9.90
N ALA B 161 23.59 3.27 11.07
CA ALA B 161 22.85 3.39 12.32
C ALA B 161 22.57 4.84 12.70
N GLY B 162 21.60 5.02 13.59
CA GLY B 162 21.28 6.34 14.12
C GLY B 162 20.70 7.31 13.12
N VAL B 163 20.27 6.79 11.97
CA VAL B 163 19.72 7.64 10.91
C VAL B 163 18.20 7.59 10.90
N GLU B 164 17.59 8.74 10.61
CA GLU B 164 16.14 8.84 10.50
C GLU B 164 15.77 9.94 9.52
N THR B 165 14.97 9.61 8.51
CA THR B 165 14.65 10.55 7.44
C THR B 165 13.14 10.69 7.25
N THR B 166 12.70 11.90 6.95
CA THR B 166 11.28 12.15 6.72
C THR B 166 10.92 11.98 5.25
N THR B 167 9.64 11.76 4.99
CA THR B 167 9.14 11.69 3.62
C THR B 167 8.97 13.10 3.08
N PRO B 168 9.48 13.36 1.87
CA PRO B 168 9.37 14.71 1.31
C PRO B 168 7.95 15.25 1.39
N SER B 169 7.82 16.54 1.69
CA SER B 169 6.53 17.19 1.82
C SER B 169 6.57 18.55 1.15
N LYS B 170 5.41 19.03 0.70
CA LYS B 170 5.34 20.26 -0.08
C LYS B 170 5.53 21.51 0.78
N GLN B 171 6.32 22.45 0.27
CA GLN B 171 6.49 23.75 0.89
C GLN B 171 5.34 24.65 0.47
N SER B 172 5.31 25.85 1.03
CA SER B 172 4.27 26.82 0.68
C SER B 172 4.49 27.37 -0.73
N ASN B 173 5.69 27.19 -1.27
CA ASN B 173 5.99 27.61 -2.63
C ASN B 173 5.88 26.44 -3.62
N ASN B 174 5.29 25.34 -3.15
CA ASN B 174 4.97 24.19 -4.00
C ASN B 174 6.18 23.36 -4.44
N LYS B 175 7.37 23.68 -3.94
CA LYS B 175 8.51 22.79 -4.09
C LYS B 175 8.52 21.85 -2.89
N TYR B 176 9.46 20.91 -2.87
CA TYR B 176 9.48 19.92 -1.80
C TYR B 176 10.65 20.12 -0.85
N ALA B 177 10.41 19.80 0.41
CA ALA B 177 11.46 19.79 1.43
C ALA B 177 11.44 18.46 2.15
N ALA B 178 12.58 18.09 2.73
CA ALA B 178 12.67 16.90 3.56
C ALA B 178 13.78 17.10 4.57
N SER B 179 13.84 16.22 5.57
CA SER B 179 14.82 16.34 6.63
C SER B 179 15.39 14.98 7.00
N SER B 180 16.68 14.97 7.36
CA SER B 180 17.34 13.75 7.79
C SER B 180 18.14 14.03 9.07
N TYR B 181 18.15 13.07 9.97
CA TYR B 181 18.84 13.23 11.25
C TYR B 181 19.85 12.11 11.47
N LEU B 182 20.98 12.45 12.08
CA LEU B 182 21.96 11.46 12.50
C LEU B 182 22.27 11.66 13.97
N SER B 183 22.06 10.61 14.76
CA SER B 183 22.35 10.67 16.19
C SER B 183 23.76 10.19 16.48
N LEU B 184 24.44 10.90 17.36
CA LEU B 184 25.80 10.54 17.76
C LEU B 184 25.95 10.77 19.26
N THR B 185 26.96 10.14 19.85
CA THR B 185 27.38 10.51 21.20
C THR B 185 28.38 11.64 21.06
N PRO B 186 28.43 12.55 22.05
CA PRO B 186 29.36 13.68 21.99
C PRO B 186 30.79 13.25 21.67
N GLU B 187 31.11 11.99 21.93
CA GLU B 187 32.45 11.47 21.71
C GLU B 187 32.66 11.14 20.23
N GLN B 188 31.70 10.41 19.65
CA GLN B 188 31.76 10.06 18.24
C GLN B 188 31.86 11.33 17.39
N TRP B 189 31.08 12.33 17.76
CA TRP B 189 31.07 13.61 17.06
C TRP B 189 32.47 14.21 16.98
N LYS B 190 33.21 14.14 18.09
CA LYS B 190 34.55 14.70 18.15
C LYS B 190 35.64 13.67 17.84
N SER B 191 35.25 12.47 17.44
CA SER B 191 36.22 11.42 17.13
C SER B 191 36.60 11.42 15.66
N HIS B 192 35.64 11.76 14.80
CA HIS B 192 35.89 11.78 13.36
C HIS B 192 36.21 13.20 12.93
N LYS B 193 36.90 13.34 11.80
CA LYS B 193 37.31 14.65 11.31
C LYS B 193 36.14 15.41 10.67
N SER B 194 35.14 14.68 10.20
CA SER B 194 33.98 15.31 9.57
C SER B 194 32.84 14.33 9.33
N TYR B 195 31.65 14.88 9.13
CA TYR B 195 30.47 14.09 8.76
C TYR B 195 29.84 14.71 7.53
N SER B 196 29.19 13.88 6.71
CA SER B 196 28.65 14.36 5.44
C SER B 196 27.23 13.84 5.20
N CYS B 197 26.41 14.70 4.59
CA CYS B 197 25.06 14.33 4.19
C CYS B 197 24.98 14.34 2.67
N GLN B 198 24.68 13.17 2.10
CA GLN B 198 24.61 13.03 0.64
C GLN B 198 23.18 12.80 0.17
N VAL B 199 22.68 13.71 -0.65
CA VAL B 199 21.32 13.64 -1.15
C VAL B 199 21.31 13.38 -2.65
N THR B 200 20.52 12.40 -3.09
CA THR B 200 20.41 12.06 -4.50
C THR B 200 19.03 12.42 -5.03
N HIS B 201 19.01 13.23 -6.08
CA HIS B 201 17.76 13.72 -6.67
C HIS B 201 17.82 13.55 -8.19
N GLU B 202 16.89 12.76 -8.73
CA GLU B 202 16.85 12.48 -10.17
C GLU B 202 18.19 11.96 -10.66
N GLY B 203 18.86 11.15 -9.85
CA GLY B 203 20.11 10.53 -10.24
C GLY B 203 21.34 11.38 -9.98
N SER B 204 21.13 12.63 -9.57
CA SER B 204 22.24 13.55 -9.33
C SER B 204 22.41 13.84 -7.85
N THR B 205 23.66 13.81 -7.39
CA THR B 205 23.95 13.90 -5.96
C THR B 205 24.48 15.27 -5.53
N VAL B 206 24.04 15.69 -4.35
CA VAL B 206 24.50 16.93 -3.74
C VAL B 206 24.92 16.62 -2.30
N GLU B 207 26.06 17.16 -1.88
CA GLU B 207 26.64 16.79 -0.59
C GLU B 207 27.12 17.99 0.21
N LYS B 208 26.90 17.92 1.53
CA LYS B 208 27.45 18.91 2.45
C LYS B 208 28.27 18.22 3.54
N THR B 209 29.11 19.00 4.19
CA THR B 209 30.02 18.46 5.21
C THR B 209 30.15 19.41 6.39
N VAL B 210 30.36 18.84 7.58
CA VAL B 210 30.61 19.62 8.78
C VAL B 210 31.70 18.96 9.61
N ALA B 211 32.53 19.77 10.26
CA ALA B 211 33.62 19.26 11.08
C ALA B 211 33.55 19.82 12.49
N PRO B 212 33.94 19.01 13.48
CA PRO B 212 34.03 19.48 14.87
C PRO B 212 35.05 20.60 15.00
N THR B 213 34.58 21.84 15.01
CA THR B 213 35.48 22.99 15.12
C THR B 213 34.80 24.17 15.82
N GLU B 214 35.60 24.99 16.49
CA GLU B 214 35.10 26.17 17.17
C GLU B 214 36.11 27.31 17.03
N THR C 2 -39.58 -43.43 -36.82
CA THR C 2 -38.25 -43.97 -36.59
C THR C 2 -37.67 -43.40 -35.30
N THR C 3 -37.08 -44.26 -34.49
CA THR C 3 -36.62 -43.86 -33.15
C THR C 3 -35.11 -43.68 -33.07
N PHE C 4 -34.68 -42.52 -32.55
CA PHE C 4 -33.27 -42.21 -32.39
C PHE C 4 -32.90 -42.07 -30.92
N LYS C 5 -31.61 -41.91 -30.65
CA LYS C 5 -31.11 -41.88 -29.28
C LYS C 5 -30.52 -40.53 -28.90
N LEU C 6 -30.58 -40.21 -27.61
CA LEU C 6 -29.95 -38.99 -27.09
C LEU C 6 -29.23 -39.27 -25.77
N ALA C 7 -27.91 -39.10 -25.78
CA ALA C 7 -27.10 -39.26 -24.59
C ALA C 7 -26.77 -37.90 -23.98
N ALA C 8 -27.33 -37.64 -22.80
CA ALA C 8 -27.05 -36.39 -22.08
C ALA C 8 -26.00 -36.65 -21.01
N CYS C 9 -24.88 -35.95 -21.11
CA CYS C 9 -23.74 -36.22 -20.25
C CYS C 9 -23.26 -34.99 -19.48
N VAL C 10 -22.63 -35.23 -18.34
CA VAL C 10 -22.06 -34.17 -17.52
C VAL C 10 -20.65 -34.57 -17.10
N THR C 11 -19.83 -33.59 -16.75
CA THR C 11 -18.44 -33.84 -16.40
C THR C 11 -18.25 -34.20 -14.92
N LEU C 12 -17.28 -35.07 -14.66
CA LEU C 12 -16.99 -35.52 -13.30
C LEU C 12 -15.50 -35.64 -13.04
N ALA C 13 -15.10 -35.47 -11.78
CA ALA C 13 -13.71 -35.62 -11.37
C ALA C 13 -13.67 -36.43 -10.08
N CYS C 14 -12.83 -37.47 -10.04
CA CYS C 14 -12.80 -38.39 -8.90
C CYS C 14 -11.37 -38.66 -8.43
N THR C 15 -11.19 -39.76 -7.70
CA THR C 15 -9.88 -40.14 -7.19
C THR C 15 -9.68 -41.65 -7.23
N ARG C 26 -14.70 -49.87 -0.33
CA ARG C 26 -13.98 -48.84 -1.07
C ARG C 26 -14.73 -47.53 -1.01
N VAL C 27 -14.02 -46.44 -1.31
CA VAL C 27 -14.62 -45.11 -1.29
C VAL C 27 -14.00 -44.23 -2.39
N LYS C 28 -14.86 -43.62 -3.20
CA LYS C 28 -14.42 -42.67 -4.20
C LYS C 28 -15.07 -41.32 -3.96
N HIS C 29 -14.28 -40.26 -4.09
CA HIS C 29 -14.78 -38.90 -3.90
C HIS C 29 -14.81 -38.16 -5.23
N CYS C 30 -15.90 -37.44 -5.48
CA CYS C 30 -16.08 -36.76 -6.77
C CYS C 30 -16.79 -35.43 -6.61
N SER C 31 -16.61 -34.55 -7.59
CA SER C 31 -17.31 -33.28 -7.60
C SER C 31 -17.70 -32.90 -9.03
N PHE C 32 -18.70 -32.05 -9.16
CA PHE C 32 -19.21 -31.64 -10.46
C PHE C 32 -20.08 -30.39 -10.33
N ASN C 33 -20.39 -29.78 -11.47
CA ASN C 33 -21.23 -28.60 -11.51
C ASN C 33 -22.64 -28.95 -11.95
N ILE C 34 -23.63 -28.32 -11.34
CA ILE C 34 -25.04 -28.66 -11.55
C ILE C 34 -25.92 -27.42 -11.64
N THR C 35 -27.03 -27.54 -12.35
CA THR C 35 -28.02 -26.48 -12.43
C THR C 35 -28.74 -26.35 -11.10
N THR C 36 -28.91 -25.11 -10.64
CA THR C 36 -29.49 -24.86 -9.33
C THR C 36 -30.66 -23.89 -9.39
N ASP C 37 -31.71 -24.29 -10.12
CA ASP C 37 -32.95 -23.51 -10.25
C ASP C 37 -33.09 -22.92 -11.65
N VAL C 38 -31.98 -22.52 -12.25
CA VAL C 38 -32.02 -21.80 -13.52
C VAL C 38 -31.01 -22.32 -14.53
N LYS C 39 -31.47 -22.50 -15.76
CA LYS C 39 -30.61 -22.91 -16.87
C LYS C 39 -29.23 -22.25 -16.86
N ASP C 40 -29.19 -20.92 -16.81
CA ASP C 40 -27.93 -20.18 -16.93
C ASP C 40 -27.00 -20.26 -15.70
N ARG C 41 -27.49 -20.76 -14.57
CA ARG C 41 -26.68 -20.79 -13.35
C ARG C 41 -26.29 -22.21 -12.94
N LYS C 42 -25.00 -22.43 -12.73
CA LYS C 42 -24.51 -23.70 -12.21
C LYS C 42 -23.73 -23.49 -10.90
N GLN C 43 -23.43 -24.60 -10.22
CA GLN C 43 -22.74 -24.56 -8.94
C GLN C 43 -21.98 -25.88 -8.70
N LYS C 44 -20.80 -25.77 -8.10
CA LYS C 44 -19.98 -26.94 -7.82
C LYS C 44 -20.53 -27.72 -6.61
N VAL C 45 -20.36 -29.03 -6.64
CA VAL C 45 -20.90 -29.90 -5.59
C VAL C 45 -20.02 -31.12 -5.34
N ASN C 46 -20.01 -31.59 -4.09
CA ASN C 46 -19.28 -32.79 -3.70
C ASN C 46 -20.20 -34.02 -3.67
N ALA C 47 -19.62 -35.20 -3.86
CA ALA C 47 -20.37 -36.45 -3.77
C ALA C 47 -19.42 -37.64 -3.62
N THR C 48 -19.89 -38.69 -2.96
CA THR C 48 -19.05 -39.85 -2.64
C THR C 48 -19.80 -41.17 -2.82
N PHE C 49 -19.07 -42.29 -2.71
CA PHE C 49 -19.68 -43.60 -2.90
C PHE C 49 -19.15 -44.65 -1.92
N TYR C 50 -19.84 -45.78 -1.87
CA TYR C 50 -19.45 -46.91 -1.00
C TYR C 50 -19.86 -48.22 -1.65
N LEU C 68 -6.63 -39.52 -9.01
CA LEU C 68 -7.45 -38.43 -9.53
C LEU C 68 -7.55 -38.52 -11.05
N TYR C 69 -8.77 -38.75 -11.55
CA TYR C 69 -8.99 -38.95 -12.97
C TYR C 69 -10.32 -38.37 -13.45
N ARG C 70 -10.33 -37.86 -14.68
CA ARG C 70 -11.55 -37.30 -15.27
C ARG C 70 -12.61 -38.38 -15.44
N LEU C 71 -13.86 -37.97 -15.61
CA LEU C 71 -14.97 -38.90 -15.76
C LEU C 71 -16.15 -38.23 -16.45
N ILE C 72 -17.11 -39.03 -16.90
CA ILE C 72 -18.33 -38.52 -17.52
C ILE C 72 -19.52 -39.41 -17.15
N SER C 73 -20.62 -38.78 -16.72
CA SER C 73 -21.85 -39.51 -16.40
C SER C 73 -22.91 -39.23 -17.45
N CYS C 74 -23.62 -40.26 -17.88
CA CYS C 74 -24.57 -40.12 -18.98
C CYS C 74 -25.92 -40.79 -18.70
N GLN C 75 -26.99 -40.06 -19.01
CA GLN C 75 -28.33 -40.63 -19.03
C GLN C 75 -28.85 -40.60 -20.45
N THR C 76 -29.55 -41.65 -20.86
CA THR C 76 -29.99 -41.78 -22.24
C THR C 76 -31.51 -41.88 -22.35
N THR C 77 -32.06 -41.23 -23.37
CA THR C 77 -33.48 -41.30 -23.66
C THR C 77 -33.68 -41.46 -25.16
N THR C 78 -34.91 -41.75 -25.57
CA THR C 78 -35.21 -41.97 -26.98
C THR C 78 -36.61 -41.49 -27.33
N THR C 79 -36.70 -40.30 -27.92
CA THR C 79 -37.98 -39.81 -28.43
C THR C 79 -38.15 -40.29 -29.87
N GLU C 80 -39.36 -40.73 -30.19
CA GLU C 80 -39.63 -41.35 -31.49
C GLU C 80 -40.07 -40.31 -32.51
N ALA C 81 -39.51 -40.40 -33.71
CA ALA C 81 -39.82 -39.46 -34.78
C ALA C 81 -39.81 -40.19 -36.13
N VAL C 82 -39.52 -39.45 -37.21
CA VAL C 82 -39.48 -40.03 -38.54
C VAL C 82 -38.16 -39.76 -39.26
N ASP C 83 -37.55 -38.61 -38.99
CA ASP C 83 -36.30 -38.23 -39.62
C ASP C 83 -35.33 -37.62 -38.60
N ALA C 84 -34.08 -37.40 -39.03
CA ALA C 84 -33.06 -36.84 -38.17
C ALA C 84 -33.17 -35.32 -38.05
N ALA C 85 -34.32 -34.79 -38.46
CA ALA C 85 -34.61 -33.38 -38.28
C ALA C 85 -35.52 -33.21 -37.06
N THR C 86 -36.71 -33.79 -37.15
CA THR C 86 -37.67 -33.74 -36.06
C THR C 86 -37.02 -34.20 -34.76
N ALA C 87 -36.19 -35.23 -34.87
CA ALA C 87 -35.42 -35.70 -33.72
C ALA C 87 -34.57 -34.56 -33.17
N ALA C 88 -33.79 -33.94 -34.06
CA ALA C 88 -32.95 -32.81 -33.68
C ALA C 88 -33.77 -31.74 -32.99
N LYS C 89 -35.02 -31.58 -33.42
CA LYS C 89 -35.93 -30.63 -32.80
C LYS C 89 -36.28 -31.05 -31.38
N VAL C 90 -36.96 -32.18 -31.25
CA VAL C 90 -37.43 -32.66 -29.96
C VAL C 90 -36.28 -32.76 -28.96
N PHE C 91 -35.09 -33.07 -29.47
CA PHE C 91 -33.90 -33.19 -28.62
C PHE C 91 -33.34 -31.83 -28.24
N LYS C 92 -33.67 -30.81 -29.02
CA LYS C 92 -33.35 -29.43 -28.66
C LYS C 92 -34.46 -28.80 -27.83
N GLN C 93 -35.69 -29.26 -28.05
CA GLN C 93 -36.84 -28.80 -27.29
C GLN C 93 -36.98 -29.64 -26.01
N TYR C 94 -35.92 -30.36 -25.67
CA TYR C 94 -35.86 -31.10 -24.41
C TYR C 94 -34.75 -30.51 -23.56
N ALA C 95 -33.60 -30.26 -24.18
CA ALA C 95 -32.55 -29.48 -23.56
C ALA C 95 -33.10 -28.09 -23.24
N ASN C 96 -34.23 -27.77 -23.85
CA ASN C 96 -34.98 -26.57 -23.51
C ASN C 96 -35.72 -26.73 -22.18
N ASP C 97 -36.53 -27.79 -22.09
CA ASP C 97 -37.30 -28.06 -20.88
C ASP C 97 -36.40 -28.47 -19.72
N ASN C 98 -35.09 -28.41 -19.93
CA ASN C 98 -34.12 -28.62 -18.85
C ASN C 98 -32.97 -27.65 -19.03
N GLY C 99 -32.06 -27.60 -18.05
CA GLY C 99 -30.92 -26.72 -18.11
C GLY C 99 -29.77 -27.33 -18.88
N ILE C 100 -30.08 -27.98 -20.00
CA ILE C 100 -29.08 -28.71 -20.77
C ILE C 100 -28.61 -27.90 -21.97
N ASP C 101 -27.33 -28.07 -22.30
CA ASP C 101 -26.73 -27.41 -23.45
C ASP C 101 -25.38 -28.05 -23.72
N GLY C 102 -24.50 -27.32 -24.41
CA GLY C 102 -23.14 -27.79 -24.65
C GLY C 102 -22.96 -28.32 -26.06
N GLU C 103 -21.99 -29.22 -26.22
CA GLU C 103 -21.64 -29.75 -27.53
C GLU C 103 -22.54 -30.92 -27.91
N TRP C 104 -22.77 -31.09 -29.21
CA TRP C 104 -23.68 -32.12 -29.71
C TRP C 104 -22.97 -33.02 -30.74
N THR C 105 -22.79 -34.29 -30.39
CA THR C 105 -22.19 -35.26 -31.30
C THR C 105 -23.25 -36.21 -31.83
N TYR C 106 -23.12 -36.60 -33.10
CA TYR C 106 -24.11 -37.49 -33.73
C TYR C 106 -23.45 -38.63 -34.50
N ASP C 107 -23.70 -39.86 -34.05
CA ASP C 107 -23.29 -41.05 -34.79
C ASP C 107 -24.49 -41.61 -35.54
N ASP C 108 -24.42 -41.56 -36.87
CA ASP C 108 -25.53 -42.02 -37.69
C ASP C 108 -25.77 -43.51 -37.51
N ALA C 109 -24.69 -44.28 -37.38
CA ALA C 109 -24.78 -45.72 -37.22
C ALA C 109 -25.77 -46.10 -36.12
N THR C 110 -25.64 -45.46 -34.96
CA THR C 110 -26.51 -45.74 -33.83
C THR C 110 -27.57 -44.66 -33.64
N LYS C 111 -27.63 -43.73 -34.59
CA LYS C 111 -28.61 -42.65 -34.53
C LYS C 111 -28.56 -41.97 -33.17
N THR C 112 -27.35 -41.85 -32.62
CA THR C 112 -27.18 -41.33 -31.27
C THR C 112 -26.69 -39.88 -31.26
N PHE C 113 -27.47 -39.00 -30.64
CA PHE C 113 -27.03 -37.63 -30.39
C PHE C 113 -26.39 -37.60 -29.00
N THR C 114 -25.40 -36.72 -28.81
CA THR C 114 -24.72 -36.63 -27.52
C THR C 114 -24.47 -35.20 -27.09
N VAL C 115 -25.29 -34.71 -26.16
CA VAL C 115 -25.08 -33.40 -25.57
C VAL C 115 -24.11 -33.52 -24.41
N THR C 116 -23.34 -32.47 -24.16
CA THR C 116 -22.40 -32.46 -23.04
C THR C 116 -22.04 -31.04 -22.63
#